data_4WN3
#
_entry.id   4WN3
#
_cell.length_a   62.010
_cell.length_b   62.010
_cell.length_c   132.220
_cell.angle_alpha   90.00
_cell.angle_beta   90.00
_cell.angle_gamma   90.00
#
_symmetry.space_group_name_H-M   'P 43 21 2'
#
loop_
_entity.id
_entity.type
_entity.pdbx_description
1 polymer 'Orotate phosphoribosyltransferase 1'
2 non-polymer 'MAGNESIUM ION'
3 non-polymer '[[[(2R,3R,4S,5R)-3,4-bis(oxidanyl)-5-(phosphonooxymethyl)oxolan-2-yl]oxy-oxidanyl-phosphoryl]amino]phosphonic acid'
4 water water
#
_entity_poly.entity_id   1
_entity_poly.type   'polypeptide(L)'
_entity_poly.pdbx_seq_one_letter_code
;MPIMLEDYQKNFLELAIECQALRFGSFKLKSGRESPYFFNLGLFNTGKLLSNLATAYAIAIIQSDLKFDVIFGPAYKGIP
LAAIVCVKLAEIGGSKFQNIQYAFNRKEAKDHGEGGIIVGSALENKRILIIDDVMTAGTAINEAFEIISNAKGQVVGSII
ALDRQEVVSTDDKEGLSATQTVSKKYGIPVLSIVSLIHIITYLEGRITAEEKSKIEQYLQTYGASAENLYFQ
;
_entity_poly.pdbx_strand_id   A
#
loop_
_chem_comp.id
_chem_comp.type
_chem_comp.name
_chem_comp.formula
3R3 D-saccharide '[[[(2R,3R,4S,5R)-3,4-bis(oxidanyl)-5-(phosphonooxymethyl)oxolan-2-yl]oxy-oxidanyl-phosphoryl]amino]phosphonic acid' 'C5 H14 N O13 P3'
MG non-polymer 'MAGNESIUM ION' 'Mg 2'
#
# COMPACT_ATOMS: atom_id res chain seq x y z
N ILE A 3 10.94 15.82 -1.50
CA ILE A 3 12.10 16.68 -1.11
C ILE A 3 12.15 16.75 0.43
N MET A 4 10.98 16.58 1.08
CA MET A 4 10.94 16.31 2.51
C MET A 4 9.87 15.26 2.88
N LEU A 5 10.11 14.60 4.01
CA LEU A 5 9.31 13.48 4.38
C LEU A 5 8.43 13.96 5.46
N GLU A 6 7.17 13.56 5.47
CA GLU A 6 6.37 13.82 6.65
C GLU A 6 6.89 12.99 7.78
N ASP A 7 6.57 13.44 8.97
CA ASP A 7 7.01 12.74 10.13
C ASP A 7 6.50 11.33 10.12
N TYR A 8 5.26 11.09 9.68
CA TYR A 8 4.75 9.76 9.79
C TYR A 8 5.53 8.81 8.89
N GLN A 9 6.07 9.38 7.81
CA GLN A 9 6.79 8.61 6.83
C GLN A 9 8.18 8.31 7.35
N LYS A 10 8.78 9.26 8.04
CA LYS A 10 10.11 8.95 8.72
C LYS A 10 10.03 7.88 9.73
N ASN A 11 9.00 7.99 10.55
CA ASN A 11 8.78 7.09 11.59
C ASN A 11 8.49 5.70 11.06
N PHE A 12 7.76 5.62 9.95
CA PHE A 12 7.44 4.32 9.39
C PHE A 12 8.72 3.68 8.88
N LEU A 13 9.51 4.48 8.17
CA LEU A 13 10.74 3.92 7.57
C LEU A 13 11.78 3.53 8.63
N GLU A 14 11.90 4.34 9.66
CA GLU A 14 12.72 3.98 10.83
C GLU A 14 12.35 2.62 11.47
N LEU A 15 11.06 2.41 11.71
CA LEU A 15 10.58 1.19 12.24
C LEU A 15 10.71 0.01 11.30
N ALA A 16 10.50 0.24 10.00
CA ALA A 16 10.57 -0.87 9.02
C ALA A 16 11.99 -1.37 9.00
N ILE A 17 12.96 -0.45 9.08
CA ILE A 17 14.38 -0.85 9.08
C ILE A 17 14.79 -1.56 10.38
N GLU A 18 14.33 -1.02 11.51
CA GLU A 18 14.55 -1.60 12.82
C GLU A 18 13.96 -2.97 12.99
N CYS A 19 12.71 -3.22 12.52
CA CYS A 19 12.17 -4.54 12.63
C CYS A 19 12.53 -5.49 11.45
N GLN A 20 13.33 -5.00 10.51
CA GLN A 20 13.88 -5.72 9.34
C GLN A 20 12.88 -6.00 8.25
N ALA A 21 11.70 -5.36 8.33
CA ALA A 21 10.77 -5.36 7.22
C ALA A 21 11.37 -4.73 5.99
N LEU A 22 12.17 -3.69 6.19
CA LEU A 22 12.98 -3.10 5.10
C LEU A 22 14.49 -3.37 5.28
N ARG A 23 15.13 -4.00 4.30
CA ARG A 23 16.55 -4.39 4.39
C ARG A 23 17.21 -3.90 3.14
N PHE A 24 18.47 -3.50 3.25
CA PHE A 24 19.25 -3.01 2.14
C PHE A 24 20.41 -3.98 1.83
N GLY A 25 20.61 -4.18 0.55
CA GLY A 25 21.62 -5.10 0.01
C GLY A 25 21.29 -5.46 -1.42
N SER A 26 21.72 -6.62 -1.87
CA SER A 26 21.58 -7.02 -3.23
C SER A 26 20.58 -8.15 -3.36
N PHE A 27 19.45 -7.86 -3.97
CA PHE A 27 18.33 -8.84 -4.01
C PHE A 27 17.86 -9.01 -5.47
N LYS A 28 17.30 -10.17 -5.83
CA LYS A 28 16.63 -10.38 -7.14
C LYS A 28 15.14 -10.53 -7.05
N LEU A 29 14.42 -9.92 -7.96
CA LEU A 29 12.97 -10.14 -8.00
C LEU A 29 12.68 -11.45 -8.80
N LYS A 30 11.39 -11.76 -9.01
CA LYS A 30 10.97 -12.80 -10.00
C LYS A 30 11.51 -12.49 -11.39
N SER A 31 11.29 -11.26 -11.85
CA SER A 31 11.88 -10.74 -13.07
C SER A 31 13.29 -11.35 -13.28
N GLY A 32 14.07 -11.44 -12.21
CA GLY A 32 15.52 -11.65 -12.31
C GLY A 32 16.18 -10.29 -12.12
N ARG A 33 15.36 -9.26 -11.97
CA ARG A 33 15.83 -7.90 -11.85
C ARG A 33 16.51 -7.70 -10.45
N GLU A 34 17.63 -7.02 -10.44
CA GLU A 34 18.31 -6.60 -9.24
C GLU A 34 17.40 -5.62 -8.46
N SER A 35 17.46 -5.70 -7.14
CA SER A 35 16.83 -4.68 -6.36
C SER A 35 17.76 -4.38 -5.19
N PRO A 36 17.92 -3.10 -4.84
CA PRO A 36 18.83 -2.69 -3.78
C PRO A 36 18.23 -2.79 -2.39
N TYR A 37 17.00 -3.32 -2.31
CA TYR A 37 16.37 -3.57 -1.02
C TYR A 37 15.39 -4.69 -1.12
N PHE A 38 14.97 -5.16 0.04
CA PHE A 38 13.92 -6.06 0.21
C PHE A 38 12.89 -5.57 1.23
N PHE A 39 11.62 -5.81 0.94
CA PHE A 39 10.50 -5.37 1.80
C PHE A 39 9.54 -6.51 2.07
N ASN A 40 9.20 -6.65 3.34
CA ASN A 40 8.27 -7.66 3.80
C ASN A 40 7.47 -7.04 4.93
N LEU A 41 6.31 -6.53 4.59
CA LEU A 41 5.45 -5.89 5.61
C LEU A 41 5.04 -6.82 6.71
N GLY A 42 5.07 -8.12 6.46
CA GLY A 42 4.75 -9.10 7.47
C GLY A 42 5.65 -9.07 8.72
N LEU A 43 6.84 -8.51 8.60
CA LEU A 43 7.68 -8.34 9.80
C LEU A 43 7.24 -7.19 10.75
N PHE A 44 6.18 -6.45 10.40
CA PHE A 44 5.48 -5.64 11.39
C PHE A 44 4.55 -6.57 12.12
N ASN A 45 5.09 -7.25 13.15
CA ASN A 45 4.39 -8.45 13.70
C ASN A 45 4.09 -8.45 15.17
N THR A 46 4.37 -7.34 15.83
CA THR A 46 3.97 -7.21 17.25
C THR A 46 2.89 -6.14 17.40
N GLY A 47 2.27 -6.13 18.56
CA GLY A 47 1.28 -5.16 18.90
C GLY A 47 1.81 -3.74 18.70
N LYS A 48 3.02 -3.48 19.15
CA LYS A 48 3.59 -2.12 18.95
C LYS A 48 3.73 -1.79 17.47
N LEU A 49 4.27 -2.74 16.72
CA LEU A 49 4.57 -2.44 15.34
C LEU A 49 3.31 -2.35 14.55
N LEU A 50 2.30 -3.22 14.80
CA LEU A 50 0.98 -3.09 14.15
C LEU A 50 0.28 -1.77 14.48
N SER A 51 0.39 -1.32 15.71
CA SER A 51 -0.15 -0.02 16.09
C SER A 51 0.44 1.12 15.23
N ASN A 52 1.78 1.10 15.11
CA ASN A 52 2.46 2.05 14.28
C ASN A 52 2.12 1.91 12.82
N LEU A 53 1.97 0.69 12.34
CA LEU A 53 1.60 0.52 10.94
C LEU A 53 0.20 1.10 10.67
N ALA A 54 -0.79 0.75 11.53
CA ALA A 54 -2.14 1.24 11.44
C ALA A 54 -2.10 2.76 11.38
N THR A 55 -1.29 3.36 12.23
CA THR A 55 -1.15 4.84 12.25
C THR A 55 -0.65 5.40 10.95
N ALA A 56 0.37 4.79 10.39
CA ALA A 56 0.98 5.23 9.21
C ALA A 56 -0.02 5.12 8.02
N TYR A 57 -0.72 3.98 7.86
CA TYR A 57 -1.79 3.93 6.85
C TYR A 57 -2.88 4.97 7.06
N ALA A 58 -3.32 5.14 8.28
CA ALA A 58 -4.41 6.04 8.56
C ALA A 58 -4.07 7.48 8.22
N ILE A 59 -2.87 7.93 8.63
CA ILE A 59 -2.45 9.30 8.35
C ILE A 59 -2.34 9.43 6.82
N ALA A 60 -1.76 8.47 6.12
CA ALA A 60 -1.76 8.56 4.65
C ALA A 60 -3.16 8.73 4.04
N ILE A 61 -4.12 7.96 4.51
CA ILE A 61 -5.49 8.06 4.05
C ILE A 61 -6.15 9.41 4.40
N ILE A 62 -5.98 9.85 5.65
CA ILE A 62 -6.50 11.14 6.09
C ILE A 62 -5.92 12.28 5.17
N GLN A 63 -4.61 12.24 4.92
CA GLN A 63 -3.96 13.30 4.09
C GLN A 63 -4.32 13.32 2.65
N SER A 64 -4.79 12.20 2.12
CA SER A 64 -5.22 12.12 0.77
C SER A 64 -6.54 12.83 0.54
N ASP A 65 -7.33 13.07 1.58
CA ASP A 65 -8.65 13.59 1.43
C ASP A 65 -9.64 12.73 0.58
N LEU A 66 -9.25 11.51 0.23
CA LEU A 66 -10.19 10.58 -0.39
C LEU A 66 -11.44 10.38 0.49
N LYS A 67 -12.61 10.42 -0.14
CA LYS A 67 -13.89 10.17 0.59
C LYS A 67 -14.35 8.75 0.28
N PHE A 68 -14.65 7.96 1.33
CA PHE A 68 -15.02 6.56 1.18
C PHE A 68 -15.85 6.20 2.40
N ASP A 69 -16.56 5.10 2.27
CA ASP A 69 -17.50 4.55 3.26
C ASP A 69 -17.00 3.25 3.91
N VAL A 70 -16.27 2.44 3.15
CA VAL A 70 -15.87 1.11 3.57
C VAL A 70 -14.43 0.89 3.24
N ILE A 71 -13.74 0.19 4.13
CA ILE A 71 -12.36 -0.21 3.82
C ILE A 71 -12.37 -1.73 3.67
N PHE A 72 -11.90 -2.15 2.55
CA PHE A 72 -11.96 -3.55 2.14
C PHE A 72 -10.55 -4.12 2.08
N GLY A 73 -10.34 -5.28 2.72
CA GLY A 73 -9.07 -5.96 2.65
C GLY A 73 -9.11 -7.33 1.98
N PRO A 74 -8.36 -7.50 0.89
CA PRO A 74 -8.38 -8.86 0.27
C PRO A 74 -7.74 -9.95 1.09
N ALA A 75 -8.45 -11.08 1.18
CA ALA A 75 -7.95 -12.23 1.95
C ALA A 75 -6.63 -12.71 1.31
N TYR A 76 -5.65 -13.16 2.09
CA TYR A 76 -5.73 -13.13 3.52
C TYR A 76 -5.08 -11.86 4.12
N LYS A 77 -3.97 -11.41 3.56
CA LYS A 77 -3.12 -10.40 4.25
C LYS A 77 -3.84 -9.04 4.45
N GLY A 78 -4.77 -8.69 3.57
CA GLY A 78 -5.55 -7.49 3.76
C GLY A 78 -6.56 -7.53 4.88
N ILE A 79 -6.93 -8.70 5.34
CA ILE A 79 -7.98 -8.80 6.38
C ILE A 79 -7.52 -8.03 7.69
N PRO A 80 -6.37 -8.39 8.29
CA PRO A 80 -6.01 -7.67 9.51
C PRO A 80 -5.73 -6.19 9.24
N LEU A 81 -5.12 -5.83 8.12
CA LEU A 81 -4.82 -4.44 7.79
C LEU A 81 -6.04 -3.57 7.65
N ALA A 82 -7.06 -4.09 7.00
CA ALA A 82 -8.33 -3.33 6.95
C ALA A 82 -8.95 -3.09 8.34
N ALA A 83 -8.89 -4.09 9.21
CA ALA A 83 -9.42 -4.00 10.55
C ALA A 83 -8.66 -2.97 11.37
N ILE A 84 -7.35 -3.14 11.41
CA ILE A 84 -6.52 -2.25 12.30
C ILE A 84 -6.60 -0.79 11.78
N VAL A 85 -6.71 -0.61 10.46
CA VAL A 85 -6.75 0.76 9.90
C VAL A 85 -8.12 1.39 10.08
N CYS A 86 -9.18 0.61 9.90
CA CYS A 86 -10.47 1.11 10.21
C CYS A 86 -10.58 1.66 11.66
N VAL A 87 -10.10 0.89 12.61
CA VAL A 87 -10.04 1.33 13.98
C VAL A 87 -9.22 2.64 14.18
N LYS A 88 -8.00 2.67 13.64
CA LYS A 88 -7.12 3.76 13.93
CA LYS A 88 -7.08 3.78 13.84
C LYS A 88 -7.69 5.04 13.26
N LEU A 89 -8.38 4.90 12.13
CA LEU A 89 -9.01 6.08 11.50
C LEU A 89 -10.07 6.67 12.42
N ALA A 90 -10.90 5.82 13.05
CA ALA A 90 -11.85 6.33 14.05
C ALA A 90 -11.13 6.94 15.24
N GLU A 91 -10.00 6.38 15.63
CA GLU A 91 -9.29 6.89 16.76
C GLU A 91 -8.60 8.26 16.52
N ILE A 92 -8.12 8.52 15.33
CA ILE A 92 -7.32 9.73 15.16
C ILE A 92 -7.88 10.64 14.14
N GLY A 93 -8.98 10.24 13.48
CA GLY A 93 -9.42 10.97 12.32
C GLY A 93 -10.53 11.99 12.61
N GLY A 94 -11.04 12.00 13.81
CA GLY A 94 -12.19 12.82 14.14
C GLY A 94 -13.47 12.29 13.59
N SER A 95 -14.45 13.16 13.63
CA SER A 95 -15.83 12.78 13.59
C SER A 95 -16.21 12.21 12.22
N LYS A 96 -15.44 12.47 11.18
CA LYS A 96 -15.81 11.98 9.86
C LYS A 96 -15.40 10.50 9.64
N PHE A 97 -14.61 9.95 10.52
CA PHE A 97 -14.21 8.57 10.36
C PHE A 97 -14.85 7.68 11.38
N GLN A 98 -15.86 8.16 12.11
CA GLN A 98 -16.41 7.27 13.12
C GLN A 98 -17.15 6.07 12.56
N ASN A 99 -17.86 6.28 11.48
CA ASN A 99 -18.76 5.27 10.98
C ASN A 99 -18.30 4.56 9.76
N ILE A 100 -17.01 4.69 9.46
CA ILE A 100 -16.41 3.89 8.35
C ILE A 100 -16.63 2.39 8.63
N GLN A 101 -17.00 1.61 7.63
CA GLN A 101 -17.11 0.13 7.90
C GLN A 101 -15.95 -0.67 7.41
N TYR A 102 -15.71 -1.95 7.85
CA TYR A 102 -14.72 -2.71 7.07
C TYR A 102 -15.37 -3.97 6.56
N ALA A 103 -14.71 -4.54 5.59
CA ALA A 103 -15.16 -5.77 4.95
C ALA A 103 -14.02 -6.49 4.38
N PHE A 104 -14.21 -7.80 4.03
CA PHE A 104 -13.18 -8.53 3.39
C PHE A 104 -13.90 -9.76 2.78
N ASN A 105 -13.16 -10.51 2.04
CA ASN A 105 -13.76 -11.71 1.34
C ASN A 105 -13.29 -12.97 1.98
N ARG A 106 -14.15 -13.98 2.04
CA ARG A 106 -13.66 -15.39 2.21
C ARG A 106 -13.14 -15.91 0.87
N LYS A 107 -12.16 -16.79 0.89
CA LYS A 107 -11.72 -17.49 -0.32
C LYS A 107 -12.85 -18.34 -0.88
N GLU A 108 -13.67 -18.91 -0.01
CA GLU A 108 -14.75 -19.74 -0.44
C GLU A 108 -15.95 -19.61 0.49
N ALA A 109 -17.14 -19.62 -0.08
CA ALA A 109 -18.35 -19.51 0.72
C ALA A 109 -18.53 -20.70 1.65
N LYS A 110 -19.57 -20.65 2.49
CA LYS A 110 -20.00 -21.79 3.29
C LYS A 110 -21.53 -21.74 3.58
N ASP A 111 -21.97 -22.60 4.51
CA ASP A 111 -23.27 -22.47 5.23
C ASP A 111 -23.82 -21.03 5.28
N GLY A 115 -24.76 -18.33 3.37
CA GLY A 115 -23.81 -18.20 2.28
C GLY A 115 -22.64 -17.25 2.58
N GLY A 116 -22.33 -16.37 1.60
CA GLY A 116 -21.41 -15.24 1.77
C GLY A 116 -19.97 -15.37 1.28
N ILE A 117 -19.55 -14.51 0.36
CA ILE A 117 -18.16 -14.27 0.10
C ILE A 117 -17.72 -13.04 0.92
N ILE A 118 -18.56 -12.01 1.03
CA ILE A 118 -18.17 -10.78 1.74
C ILE A 118 -18.50 -10.91 3.20
N VAL A 119 -17.55 -10.67 4.09
CA VAL A 119 -17.88 -10.54 5.51
C VAL A 119 -17.97 -9.05 5.91
N GLY A 120 -19.15 -8.61 6.36
CA GLY A 120 -19.48 -7.19 6.57
C GLY A 120 -20.82 -6.77 6.04
N SER A 121 -21.14 -5.50 6.20
CA SER A 121 -22.45 -4.99 5.71
C SER A 121 -22.42 -4.92 4.18
N ALA A 122 -23.62 -4.91 3.61
CA ALA A 122 -23.79 -4.89 2.21
C ALA A 122 -22.96 -3.79 1.57
N LEU A 123 -22.19 -4.13 0.55
CA LEU A 123 -21.39 -3.12 -0.22
C LEU A 123 -22.19 -2.30 -1.19
N GLU A 124 -23.49 -2.60 -1.36
CA GLU A 124 -24.26 -1.91 -2.42
C GLU A 124 -24.31 -0.44 -2.19
N ASN A 125 -23.96 0.30 -3.20
CA ASN A 125 -23.89 1.76 -3.14
C ASN A 125 -22.91 2.39 -2.17
N LYS A 126 -21.91 1.63 -1.73
CA LYS A 126 -20.93 2.22 -0.84
C LYS A 126 -19.63 2.48 -1.61
N ARG A 127 -18.90 3.50 -1.16
CA ARG A 127 -17.63 3.86 -1.76
CA ARG A 127 -17.64 3.86 -1.77
C ARG A 127 -16.52 3.12 -1.02
N ILE A 128 -15.77 2.31 -1.76
CA ILE A 128 -14.78 1.42 -1.14
C ILE A 128 -13.33 1.87 -1.38
N LEU A 129 -12.54 1.82 -0.30
CA LEU A 129 -11.07 1.92 -0.37
C LEU A 129 -10.51 0.50 -0.14
N ILE A 130 -9.74 0.01 -1.07
CA ILE A 130 -9.09 -1.26 -0.92
C ILE A 130 -7.73 -1.07 -0.27
N ILE A 131 -7.48 -1.87 0.73
CA ILE A 131 -6.18 -1.84 1.44
C ILE A 131 -5.48 -3.17 1.31
N ASP A 132 -4.22 -3.12 0.92
CA ASP A 132 -3.42 -4.28 0.92
C ASP A 132 -1.98 -3.99 1.32
N ASP A 133 -1.16 -5.02 1.42
CA ASP A 133 0.22 -4.80 1.71
C ASP A 133 1.05 -4.24 0.55
N VAL A 134 0.90 -4.84 -0.62
CA VAL A 134 1.80 -4.64 -1.73
C VAL A 134 0.96 -4.90 -2.99
N MET A 135 1.38 -4.33 -4.09
CA MET A 135 0.79 -4.62 -5.43
C MET A 135 1.93 -4.91 -6.42
N THR A 136 1.80 -5.95 -7.24
CA THR A 136 2.79 -6.22 -8.32
C THR A 136 2.05 -6.37 -9.63
N ALA A 137 1.52 -7.55 -9.94
CA ALA A 137 0.82 -7.75 -11.24
C ALA A 137 -0.62 -7.22 -11.26
N GLY A 138 -1.19 -6.89 -10.10
CA GLY A 138 -2.57 -6.38 -9.99
C GLY A 138 -3.62 -7.47 -9.77
N THR A 139 -3.17 -8.71 -9.52
CA THR A 139 -4.11 -9.83 -9.46
C THR A 139 -5.01 -9.76 -8.21
N ALA A 140 -4.51 -9.31 -7.06
CA ALA A 140 -5.43 -9.19 -5.92
C ALA A 140 -6.42 -8.05 -6.17
N ILE A 141 -5.93 -7.00 -6.81
CA ILE A 141 -6.79 -5.86 -7.11
C ILE A 141 -7.88 -6.27 -8.07
N ASN A 142 -7.49 -7.03 -9.10
CA ASN A 142 -8.46 -7.51 -10.07
C ASN A 142 -9.50 -8.34 -9.46
N GLU A 143 -9.09 -9.28 -8.62
CA GLU A 143 -10.09 -10.06 -7.87
C GLU A 143 -10.99 -9.23 -6.96
N ALA A 144 -10.44 -8.24 -6.26
CA ALA A 144 -11.28 -7.43 -5.43
C ALA A 144 -12.29 -6.67 -6.30
N PHE A 145 -11.87 -6.10 -7.42
CA PHE A 145 -12.86 -5.37 -8.26
C PHE A 145 -14.03 -6.26 -8.69
N GLU A 146 -13.75 -7.51 -8.98
CA GLU A 146 -14.78 -8.46 -9.46
C GLU A 146 -15.79 -8.74 -8.38
N ILE A 147 -15.26 -8.95 -7.19
CA ILE A 147 -16.03 -9.21 -6.01
C ILE A 147 -16.86 -8.03 -5.65
N ILE A 148 -16.25 -6.85 -5.68
CA ILE A 148 -16.94 -5.69 -5.23
C ILE A 148 -18.01 -5.26 -6.23
N SER A 149 -17.68 -5.34 -7.49
CA SER A 149 -18.62 -4.83 -8.47
C SER A 149 -19.77 -5.78 -8.58
N ASN A 150 -19.57 -7.06 -8.31
CA ASN A 150 -20.68 -8.04 -8.11
C ASN A 150 -21.61 -7.70 -6.99
N ALA A 151 -21.09 -7.08 -5.96
CA ALA A 151 -21.89 -6.71 -4.80
C ALA A 151 -22.44 -5.29 -4.90
N LYS A 152 -22.29 -4.65 -6.06
CA LYS A 152 -22.75 -3.29 -6.34
C LYS A 152 -22.05 -2.20 -5.54
N GLY A 153 -20.82 -2.45 -5.13
CA GLY A 153 -19.99 -1.42 -4.46
C GLY A 153 -19.25 -0.64 -5.54
N GLN A 154 -18.72 0.48 -5.14
CA GLN A 154 -17.96 1.35 -6.03
CA GLN A 154 -17.96 1.34 -6.01
C GLN A 154 -16.57 1.56 -5.43
N VAL A 155 -15.59 1.05 -6.10
CA VAL A 155 -14.19 1.30 -5.60
C VAL A 155 -13.76 2.68 -5.91
N VAL A 156 -13.24 3.41 -4.92
CA VAL A 156 -12.80 4.79 -5.12
C VAL A 156 -11.30 4.98 -4.96
N GLY A 157 -10.62 3.91 -4.57
CA GLY A 157 -9.19 4.01 -4.33
C GLY A 157 -8.61 2.75 -3.74
N SER A 158 -7.29 2.75 -3.72
CA SER A 158 -6.51 1.66 -3.13
C SER A 158 -5.36 2.23 -2.30
N ILE A 159 -4.93 1.52 -1.28
CA ILE A 159 -3.67 1.97 -0.58
C ILE A 159 -2.83 0.76 -0.26
N ILE A 160 -1.51 0.86 -0.54
CA ILE A 160 -0.52 -0.14 -0.19
C ILE A 160 0.53 0.50 0.71
N ALA A 161 1.38 -0.33 1.30
CA ALA A 161 2.41 0.19 2.19
C ALA A 161 3.51 0.92 1.44
N LEU A 162 4.08 0.22 0.48
CA LEU A 162 5.24 0.71 -0.22
C LEU A 162 4.96 0.65 -1.70
N ASP A 163 5.02 1.80 -2.35
CA ASP A 163 5.04 1.86 -3.80
C ASP A 163 6.51 1.78 -4.40
N ARG A 164 6.82 0.71 -5.10
CA ARG A 164 8.18 0.47 -5.55
C ARG A 164 8.58 1.51 -6.66
N GLN A 165 7.58 2.14 -7.28
CA GLN A 165 7.79 3.21 -8.32
C GLN A 165 8.74 2.69 -9.38
N GLU A 166 8.55 1.48 -9.80
CA GLU A 166 9.38 0.88 -10.80
C GLU A 166 8.53 0.59 -12.01
N VAL A 167 9.11 0.77 -13.20
CA VAL A 167 8.45 0.35 -14.44
C VAL A 167 8.23 -1.14 -14.39
N VAL A 168 7.03 -1.55 -14.75
CA VAL A 168 6.65 -2.92 -14.91
C VAL A 168 7.51 -3.55 -16.02
N SER A 169 7.78 -2.82 -17.08
CA SER A 169 8.67 -3.30 -18.13
C SER A 169 9.60 -2.20 -18.63
N THR A 170 10.85 -2.58 -18.87
CA THR A 170 11.92 -1.66 -19.31
C THR A 170 11.84 -1.35 -20.82
N ASP A 171 11.08 -2.19 -21.52
CA ASP A 171 10.78 -2.04 -22.94
C ASP A 171 9.61 -1.06 -23.14
N ASP A 172 8.58 -1.19 -22.29
CA ASP A 172 7.42 -0.30 -22.26
C ASP A 172 7.78 1.20 -22.32
N LYS A 173 7.32 1.88 -23.36
CA LYS A 173 7.70 3.27 -23.57
C LYS A 173 6.81 4.30 -22.89
N GLU A 174 5.63 3.90 -22.39
CA GLU A 174 4.88 4.77 -21.47
C GLU A 174 5.55 4.85 -20.06
N GLY A 175 6.23 3.76 -19.68
CA GLY A 175 6.99 3.68 -18.42
C GLY A 175 6.11 3.63 -17.19
N LEU A 176 5.02 2.85 -17.27
CA LEU A 176 4.08 2.73 -16.18
C LEU A 176 4.48 1.73 -15.07
N SER A 177 4.52 2.23 -13.85
CA SER A 177 4.63 1.35 -12.69
C SER A 177 3.37 0.49 -12.47
N ALA A 178 3.49 -0.47 -11.56
CA ALA A 178 2.34 -1.31 -11.10
C ALA A 178 1.19 -0.46 -10.61
N THR A 179 1.46 0.48 -9.70
CA THR A 179 0.40 1.33 -9.20
C THR A 179 -0.20 2.21 -10.33
N GLN A 180 0.62 2.67 -11.24
CA GLN A 180 0.12 3.51 -12.37
C GLN A 180 -0.80 2.77 -13.32
N THR A 181 -0.45 1.52 -13.55
CA THR A 181 -1.11 0.65 -14.40
C THR A 181 -2.51 0.43 -13.82
N VAL A 182 -2.59 0.17 -12.52
CA VAL A 182 -3.88 -0.05 -11.86
C VAL A 182 -4.68 1.20 -11.90
N SER A 183 -4.03 2.28 -11.53
CA SER A 183 -4.66 3.55 -11.55
C SER A 183 -5.23 3.95 -12.91
N LYS A 184 -4.56 3.57 -13.99
CA LYS A 184 -5.07 3.83 -15.32
C LYS A 184 -6.23 2.95 -15.72
N LYS A 185 -6.08 1.67 -15.48
CA LYS A 185 -7.06 0.70 -15.83
C LYS A 185 -8.37 1.00 -15.10
N TYR A 186 -8.30 1.38 -13.83
CA TYR A 186 -9.49 1.46 -12.99
C TYR A 186 -9.89 2.86 -12.72
N GLY A 187 -9.08 3.80 -13.10
CA GLY A 187 -9.41 5.18 -12.91
C GLY A 187 -9.45 5.65 -11.48
N ILE A 188 -8.64 5.04 -10.60
CA ILE A 188 -8.65 5.41 -9.20
C ILE A 188 -7.21 5.64 -8.69
N PRO A 189 -7.09 6.45 -7.62
CA PRO A 189 -5.76 6.63 -6.98
C PRO A 189 -5.25 5.38 -6.33
N VAL A 190 -3.95 5.13 -6.45
CA VAL A 190 -3.32 4.12 -5.63
C VAL A 190 -2.37 4.85 -4.68
N LEU A 191 -2.76 4.97 -3.43
CA LEU A 191 -2.00 5.67 -2.44
C LEU A 191 -0.95 4.70 -1.85
N SER A 192 0.01 5.25 -1.13
CA SER A 192 0.96 4.40 -0.40
C SER A 192 1.49 5.24 0.76
N ILE A 193 1.99 4.56 1.73
CA ILE A 193 2.52 5.21 2.94
C ILE A 193 3.82 5.92 2.49
N VAL A 194 4.66 5.14 1.80
CA VAL A 194 5.91 5.63 1.17
C VAL A 194 6.15 5.03 -0.20
N SER A 195 7.03 5.69 -0.99
CA SER A 195 7.48 5.23 -2.25
C SER A 195 9.03 5.17 -2.22
N LEU A 196 9.57 4.61 -3.24
CA LEU A 196 11.02 4.56 -3.37
C LEU A 196 11.66 5.93 -3.18
N ILE A 197 11.09 7.00 -3.73
CA ILE A 197 11.72 8.31 -3.54
C ILE A 197 11.84 8.67 -2.08
N HIS A 198 10.90 8.26 -1.24
CA HIS A 198 10.97 8.59 0.14
C HIS A 198 12.08 7.82 0.87
N ILE A 199 12.32 6.59 0.42
CA ILE A 199 13.35 5.74 1.05
C ILE A 199 14.69 6.45 0.82
N ILE A 200 14.85 6.92 -0.39
CA ILE A 200 16.07 7.60 -0.84
C ILE A 200 16.31 8.87 -0.02
N THR A 201 15.28 9.65 0.14
CA THR A 201 15.36 10.82 0.98
C THR A 201 15.69 10.49 2.41
N TYR A 202 15.06 9.47 3.02
CA TYR A 202 15.39 9.09 4.39
C TYR A 202 16.89 8.76 4.52
N LEU A 203 17.49 8.26 3.45
CA LEU A 203 18.81 7.69 3.59
C LEU A 203 19.86 8.81 3.59
N GLU A 204 19.50 10.01 3.14
CA GLU A 204 20.46 11.13 3.07
C GLU A 204 21.08 11.32 4.46
N GLY A 205 22.41 11.32 4.50
CA GLY A 205 23.17 11.45 5.75
C GLY A 205 23.30 10.19 6.59
N ARG A 206 22.81 9.04 6.10
CA ARG A 206 22.99 7.74 6.78
CA ARG A 206 22.96 7.75 6.78
C ARG A 206 23.90 6.83 5.99
N ILE A 207 24.02 7.10 4.68
CA ILE A 207 24.79 6.25 3.77
C ILE A 207 25.85 7.09 3.10
N THR A 208 26.84 6.42 2.51
CA THR A 208 28.06 7.10 1.97
C THR A 208 27.68 7.80 0.66
N ALA A 209 28.51 8.75 0.19
CA ALA A 209 28.34 9.34 -1.17
C ALA A 209 28.29 8.25 -2.26
N GLU A 210 29.17 7.27 -2.17
CA GLU A 210 29.19 6.24 -3.15
C GLU A 210 27.84 5.46 -3.23
N GLU A 211 27.26 5.19 -2.06
CA GLU A 211 26.10 4.28 -1.91
C GLU A 211 24.89 5.06 -2.47
N LYS A 212 24.80 6.34 -2.05
CA LYS A 212 23.85 7.34 -2.61
C LYS A 212 23.83 7.39 -4.14
N SER A 213 24.99 7.26 -4.76
CA SER A 213 25.08 7.29 -6.21
C SER A 213 24.65 5.96 -6.89
N LYS A 214 24.71 4.84 -6.20
CA LYS A 214 24.22 3.56 -6.77
C LYS A 214 22.69 3.46 -6.72
N ILE A 215 22.09 4.15 -5.76
CA ILE A 215 20.63 4.06 -5.58
C ILE A 215 19.97 5.12 -6.47
N GLU A 216 20.64 6.26 -6.57
CA GLU A 216 20.31 7.31 -7.56
C GLU A 216 20.98 7.05 -8.90
N GLN A 217 21.16 5.78 -9.20
CA GLN A 217 21.27 5.35 -10.56
C GLN A 217 20.30 4.21 -10.76
N TYR A 218 19.96 3.47 -9.68
CA TYR A 218 18.99 2.36 -9.79
C TYR A 218 17.70 2.92 -10.38
N LEU A 219 17.31 4.07 -9.85
CA LEU A 219 16.08 4.67 -10.26
C LEU A 219 16.16 5.24 -11.70
N GLN A 220 17.36 5.54 -12.20
CA GLN A 220 17.50 5.96 -13.60
CA GLN A 220 17.55 5.94 -13.61
C GLN A 220 17.13 4.79 -14.55
N THR A 221 17.59 3.58 -14.24
CA THR A 221 17.32 2.41 -15.07
C THR A 221 15.90 1.85 -15.00
N TYR A 222 15.27 1.97 -13.82
CA TYR A 222 13.98 1.31 -13.58
C TYR A 222 12.89 2.20 -13.00
N GLY A 223 13.23 3.39 -12.50
CA GLY A 223 12.27 4.32 -11.93
C GLY A 223 11.19 4.68 -12.94
N ALA A 224 9.96 4.87 -12.46
CA ALA A 224 8.81 5.00 -13.33
C ALA A 224 8.59 6.45 -13.74
N SER A 225 8.08 6.64 -14.97
CA SER A 225 7.63 7.94 -15.52
C SER A 225 8.72 9.00 -15.53
MG MG B . -2.83 -10.88 -0.44
O3B 3R3 C . -2.78 -12.43 0.91
PB 3R3 C . -2.39 -13.92 0.68
O1B 3R3 C . -3.49 -14.76 1.11
O2B 3R3 C . -1.04 -14.24 1.20
N3A 3R3 C . -2.34 -14.15 -0.94
PA 3R3 C . -1.34 -13.50 -2.12
O1A 3R3 C . -2.04 -13.62 -3.47
O2A 3R3 C . 0.08 -13.99 -1.97
O1 3R3 C . -1.24 -11.90 -1.78
C1 3R3 C . -0.11 -11.04 -2.07
O4 3R3 C . -0.18 -10.77 -3.47
C4 3R3 C . -1.03 -9.61 -3.66
C3 3R3 C . -1.27 -8.95 -2.30
O3 3R3 C . -2.69 -9.18 -2.03
C2 3R3 C . -0.35 -9.71 -1.35
O2 3R3 C . -0.97 -9.98 -0.08
C5 3R3 C . -0.49 -8.71 -4.72
O5 3R3 C . -0.94 -9.35 -5.94
P 3R3 C . -0.14 -8.95 -7.26
O1P 3R3 C . 1.33 -9.30 -6.98
O2P 3R3 C . -0.59 -9.74 -8.46
O3P 3R3 C . -0.36 -7.41 -7.25
#